data_7Z0X
#
_entry.id   7Z0X
#
_cell.length_a   90.286
_cell.length_b   104.213
_cell.length_c   89.064
_cell.angle_alpha   90.000
_cell.angle_beta   90.000
_cell.angle_gamma   90.000
#
_symmetry.space_group_name_H-M   'P 21 21 2'
#
loop_
_entity.id
_entity.type
_entity.pdbx_description
1 polymer 'THSC20.HVTR26 Fab heavy chain'
2 polymer 'THSC20.HVTR26 Fab light chain'
3 polymer 'Spike protein S1'
4 branched 2-acetamido-2-deoxy-beta-D-glucopyranose-(1-4)-[alpha-L-fucopyranose-(1-6)]2-acetamido-2-deoxy-beta-D-glucopyranose
5 non-polymer '4-(2-HYDROXYETHYL)-1-PIPERAZINE ETHANESULFONIC ACID'
6 water water
#
loop_
_entity_poly.entity_id
_entity_poly.type
_entity_poly.pdbx_seq_one_letter_code
_entity_poly.pdbx_strand_id
1 'polypeptide(L)'
;EVQLVESGGGLVQPGGSLRLSCAASGFTVSSNYMSWVRQAPGKGLEWVSAIYSGDSTYYADSVKGRFTISRHNPKNTLYL
QMNSLRAEDTAVYYCARLVGALTNIVVSGDGGAFDIWGQGTMVTVSSASTKGPSVFPLAPSSKSTSGGTAALGCLVKDYF
PEPVTVSWNSGALTSGVHTFPAVLQSSGLYSLSSVVTVPSSSLGTQTYICNVNHKPSNTKVDKKVEPKSCGLEVLFQ
;
H
2 'polypeptide(L)'
;SYELTQPASVSGSPGQSITISCTGTSSDVGSYNLVSWYQQHPGKAPKLMIYEVSKRPSGVSNRFSGSKSGNTASLTISGL
QAEDEVDYYCCSYAGSSTWVFGGGTKLTVLGQPKAAPSVTLFPPSSEELQANKATLVCLISDFYPGAVTVAWKADSSPVK
AGVETTTPSKQSNNKYAASSYLSLTPEQWKSHRSYSCQVTHEGSTVEKTVAPTECS
;
L
3 'polypeptide(L)'
;QNITNLCPFGEVFNATRFASVYAWNRKRISNCVADYSVLYNSASFSTFKCYGVSPTKLNDLCFTNVYADSFVIRGDEVRQ
IAPGQTGKIADYNYKLPDDFTGCVIAWNSNNLDSKVGGNYNYLYRLFRKSNLKPFERDISTEIYQAGSTPCNGVEGFNCY
FPLQSYGFQPTNGVGYQPYRVVVLSFELLHAPATVCGPGLEVLFQ
;
R
#
# COMPACT_ATOMS: atom_id res chain seq x y z
N GLU A 1 -7.28 -11.57 3.52
CA GLU A 1 -5.99 -11.89 2.86
C GLU A 1 -5.53 -10.75 1.93
N VAL A 2 -5.69 -9.51 2.38
CA VAL A 2 -5.19 -8.38 1.62
C VAL A 2 -3.69 -8.27 1.82
N GLN A 3 -2.96 -8.02 0.74
CA GLN A 3 -1.51 -7.92 0.84
C GLN A 3 -0.95 -7.11 -0.32
N LEU A 4 0.17 -6.46 -0.03
CA LEU A 4 0.94 -5.72 -1.02
C LEU A 4 2.37 -6.21 -0.90
N VAL A 5 3.01 -6.47 -2.03
CA VAL A 5 4.38 -6.98 -2.05
C VAL A 5 5.16 -6.17 -3.07
N GLU A 6 6.10 -5.37 -2.56
CA GLU A 6 6.96 -4.60 -3.43
C GLU A 6 8.15 -5.44 -3.90
N SER A 7 8.64 -5.11 -5.08
CA SER A 7 9.87 -5.70 -5.62
C SER A 7 10.50 -4.69 -6.57
N GLY A 8 11.73 -5.00 -6.98
CA GLY A 8 12.46 -4.20 -7.93
C GLY A 8 13.57 -3.38 -7.34
N GLY A 9 13.70 -3.37 -6.02
CA GLY A 9 14.73 -2.56 -5.40
C GLY A 9 16.12 -3.14 -5.65
N GLY A 10 17.10 -2.24 -5.66
CA GLY A 10 18.47 -2.66 -5.86
C GLY A 10 19.37 -1.45 -5.91
N LEU A 11 20.59 -1.69 -6.38
CA LEU A 11 21.62 -0.66 -6.48
C LEU A 11 21.59 -0.01 -7.84
N VAL A 12 21.64 1.32 -7.86
CA VAL A 12 21.62 2.11 -9.08
C VAL A 12 22.67 3.21 -8.96
N GLN A 13 23.31 3.54 -10.08
CA GLN A 13 24.22 4.68 -10.10
C GLN A 13 23.44 5.98 -10.18
N PRO A 14 23.95 7.06 -9.57
CA PRO A 14 23.31 8.36 -9.75
C PRO A 14 23.09 8.64 -11.21
N GLY A 15 21.93 9.20 -11.53
CA GLY A 15 21.50 9.42 -12.90
C GLY A 15 20.79 8.24 -13.52
N GLY A 16 20.82 7.08 -12.88
CA GLY A 16 20.23 5.89 -13.45
C GLY A 16 18.73 5.83 -13.23
N SER A 17 18.15 4.73 -13.68
CA SER A 17 16.71 4.52 -13.62
C SER A 17 16.43 3.17 -12.99
N LEU A 18 15.24 3.02 -12.47
CA LEU A 18 14.82 1.78 -11.82
C LEU A 18 13.30 1.78 -11.77
N ARG A 19 12.70 0.63 -12.00
CA ARG A 19 11.25 0.52 -11.90
C ARG A 19 10.89 -0.39 -10.73
N LEU A 20 10.10 0.11 -9.81
CA LEU A 20 9.56 -0.70 -8.73
C LEU A 20 8.18 -1.21 -9.10
N SER A 21 7.85 -2.37 -8.57
CA SER A 21 6.53 -2.96 -8.73
C SER A 21 5.96 -3.31 -7.37
N CYS A 22 4.64 -3.36 -7.32
CA CYS A 22 3.89 -3.60 -6.08
C CYS A 22 2.69 -4.46 -6.45
N ALA A 23 2.75 -5.73 -6.08
CA ALA A 23 1.73 -6.70 -6.44
C ALA A 23 0.69 -6.77 -5.32
N ALA A 24 -0.57 -6.55 -5.68
CA ALA A 24 -1.67 -6.66 -4.72
C ALA A 24 -2.32 -8.03 -4.78
N SER A 25 -2.83 -8.46 -3.64
CA SER A 25 -3.62 -9.67 -3.48
C SER A 25 -4.77 -9.37 -2.53
N GLY A 26 -5.93 -9.96 -2.79
CA GLY A 26 -7.08 -9.75 -1.96
C GLY A 26 -7.89 -8.52 -2.28
N PHE A 27 -7.40 -7.64 -3.15
CA PHE A 27 -8.13 -6.47 -3.59
C PHE A 27 -7.44 -5.97 -4.86
N THR A 28 -8.09 -5.03 -5.54
CA THR A 28 -7.64 -4.59 -6.85
C THR A 28 -7.12 -3.17 -6.79
N VAL A 29 -5.91 -2.95 -7.30
CA VAL A 29 -5.36 -1.60 -7.33
C VAL A 29 -6.21 -0.69 -8.21
N SER A 30 -6.94 -1.27 -9.18
CA SER A 30 -7.71 -0.46 -10.11
C SER A 30 -8.84 0.28 -9.43
N SER A 31 -9.36 -0.27 -8.34
CA SER A 31 -10.51 0.29 -7.65
C SER A 31 -10.13 1.02 -6.38
N ASN A 32 -8.85 1.31 -6.18
CA ASN A 32 -8.38 1.96 -4.96
C ASN A 32 -7.41 3.08 -5.29
N TYR A 33 -7.39 4.09 -4.43
CA TYR A 33 -6.31 5.04 -4.42
C TYR A 33 -5.06 4.35 -3.89
N MET A 34 -3.93 4.61 -4.54
CA MET A 34 -2.67 4.01 -4.12
C MET A 34 -1.61 5.09 -3.99
N SER A 35 -0.57 4.77 -3.20
CA SER A 35 0.54 5.69 -3.03
C SER A 35 1.84 4.93 -2.85
N TRP A 36 2.94 5.62 -3.17
CA TRP A 36 4.28 5.23 -2.74
C TRP A 36 4.72 6.21 -1.66
N VAL A 37 5.30 5.62 -0.61
CA VAL A 37 5.84 6.30 0.56
C VAL A 37 7.22 5.70 0.80
N ARG A 38 8.23 6.52 1.03
CA ARG A 38 9.58 6.01 1.20
C ARG A 38 10.16 6.42 2.55
N GLN A 39 11.23 5.74 2.93
CA GLN A 39 11.82 5.94 4.25
C GLN A 39 13.32 5.70 4.15
N ALA A 40 14.11 6.76 4.22
CA ALA A 40 15.55 6.58 4.24
C ALA A 40 15.94 5.83 5.53
N PRO A 41 17.02 5.07 5.49
CA PRO A 41 17.40 4.28 6.67
C PRO A 41 17.61 5.16 7.89
N GLY A 42 16.92 4.82 8.97
CA GLY A 42 17.00 5.60 10.19
C GLY A 42 16.24 6.91 10.16
N LYS A 43 15.51 7.19 9.09
CA LYS A 43 14.82 8.46 8.95
C LYS A 43 13.31 8.25 8.90
N GLY A 44 12.59 9.33 8.57
CA GLY A 44 11.14 9.31 8.63
C GLY A 44 10.46 8.96 7.30
N LEU A 45 9.15 8.82 7.37
CA LEU A 45 8.33 8.53 6.20
C LEU A 45 8.19 9.76 5.30
N GLU A 46 8.25 9.55 3.99
CA GLU A 46 8.06 10.64 3.02
C GLU A 46 7.11 10.18 1.93
N TRP A 47 5.99 10.89 1.79
CA TRP A 47 5.03 10.62 0.72
C TRP A 47 5.69 10.98 -0.61
N VAL A 48 5.60 10.07 -1.57
CA VAL A 48 6.26 10.21 -2.85
C VAL A 48 5.26 10.52 -3.95
N SER A 49 4.22 9.69 -4.05
CA SER A 49 3.31 9.80 -5.18
C SER A 49 2.01 9.12 -4.85
N ALA A 50 0.95 9.57 -5.54
CA ALA A 50 -0.34 8.92 -5.45
C ALA A 50 -1.04 8.88 -6.80
N ILE A 51 -1.93 7.91 -6.92
CA ILE A 51 -2.75 7.71 -8.10
C ILE A 51 -4.19 7.50 -7.67
N TYR A 52 -5.09 8.22 -8.34
CA TYR A 52 -6.51 8.23 -8.02
C TYR A 52 -7.32 7.79 -9.24
N SER A 53 -8.62 8.11 -9.29
CA SER A 53 -9.43 7.64 -10.40
C SER A 53 -8.96 8.26 -11.72
N GLY A 54 -9.24 7.56 -12.81
CA GLY A 54 -8.76 7.99 -14.12
C GLY A 54 -7.25 7.98 -14.28
N ASP A 55 -6.53 7.23 -13.47
CA ASP A 55 -5.06 7.30 -13.43
C ASP A 55 -4.54 8.74 -13.31
N SER A 56 -5.23 9.54 -12.50
CA SER A 56 -4.76 10.89 -12.19
C SER A 56 -3.63 10.80 -11.16
N THR A 57 -2.52 11.42 -11.46
CA THR A 57 -1.29 11.21 -10.70
C THR A 57 -0.81 12.50 -10.06
N TYR A 58 -0.21 12.35 -8.88
CA TYR A 58 0.30 13.47 -8.13
C TYR A 58 1.60 13.05 -7.45
N TYR A 59 2.47 14.04 -7.23
CA TYR A 59 3.84 13.78 -6.81
C TYR A 59 4.31 14.81 -5.81
N ALA A 60 5.17 14.38 -4.90
CA ALA A 60 5.93 15.31 -4.09
C ALA A 60 6.92 16.09 -4.95
N ASP A 61 7.16 17.34 -4.58
CA ASP A 61 8.08 18.15 -5.37
C ASP A 61 9.49 17.58 -5.38
N SER A 62 9.86 16.80 -4.37
CA SER A 62 11.17 16.17 -4.30
C SER A 62 11.42 15.17 -5.44
N VAL A 63 10.38 14.67 -6.08
CA VAL A 63 10.49 13.67 -7.14
C VAL A 63 9.79 14.07 -8.41
N LYS A 64 9.11 15.20 -8.42
CA LYS A 64 8.30 15.60 -9.53
C LYS A 64 9.18 15.78 -10.75
N GLY A 65 8.68 15.34 -11.90
CA GLY A 65 9.44 15.36 -13.13
C GLY A 65 10.39 14.20 -13.33
N ARG A 66 10.64 13.42 -12.31
CA ARG A 66 11.58 12.31 -12.39
C ARG A 66 10.93 10.95 -12.15
N PHE A 67 9.85 10.90 -11.38
CA PHE A 67 9.15 9.67 -11.07
C PHE A 67 7.80 9.65 -11.76
N THR A 68 7.32 8.44 -12.05
CA THR A 68 5.99 8.24 -12.64
C THR A 68 5.31 7.05 -11.98
N ILE A 69 4.11 7.26 -11.46
CA ILE A 69 3.32 6.20 -10.85
C ILE A 69 2.33 5.70 -11.88
N SER A 70 2.10 4.39 -11.89
CA SER A 70 1.16 3.83 -12.86
C SER A 70 0.60 2.53 -12.31
N ARG A 71 -0.44 2.04 -12.97
CA ARG A 71 -1.05 0.77 -12.64
C ARG A 71 -1.19 -0.08 -13.89
N HIS A 72 -1.08 -1.39 -13.73
CA HIS A 72 -1.45 -2.37 -14.75
C HIS A 72 -2.52 -3.26 -14.14
N ASN A 73 -3.76 -3.05 -14.54
CA ASN A 73 -4.88 -3.75 -13.91
C ASN A 73 -4.86 -5.26 -14.13
N PRO A 74 -4.63 -5.76 -15.35
CA PRO A 74 -4.61 -7.22 -15.54
C PRO A 74 -3.64 -7.91 -14.58
N LYS A 75 -2.46 -7.34 -14.37
CA LYS A 75 -1.52 -7.91 -13.41
C LYS A 75 -1.81 -7.45 -11.99
N ASN A 76 -2.79 -6.59 -11.80
CA ASN A 76 -3.17 -6.07 -10.49
C ASN A 76 -1.93 -5.53 -9.77
N THR A 77 -1.19 -4.66 -10.47
CA THR A 77 0.12 -4.21 -10.01
C THR A 77 0.28 -2.71 -10.14
N LEU A 78 0.88 -2.10 -9.13
CA LEU A 78 1.25 -0.69 -9.13
C LEU A 78 2.73 -0.57 -9.43
N TYR A 79 3.11 0.44 -10.19
CA TYR A 79 4.52 0.68 -10.49
C TYR A 79 4.95 2.08 -10.11
N LEU A 80 6.26 2.18 -9.88
CA LEU A 80 6.94 3.47 -9.74
C LEU A 80 8.16 3.44 -10.64
N GLN A 81 8.13 4.22 -11.71
CA GLN A 81 9.28 4.39 -12.60
C GLN A 81 10.09 5.57 -12.08
N MET A 82 11.36 5.33 -11.74
CA MET A 82 12.23 6.35 -11.19
C MET A 82 13.36 6.61 -12.16
N ASN A 83 13.44 7.83 -12.64
CA ASN A 83 14.50 8.28 -13.53
C ASN A 83 15.37 9.33 -12.84
N SER A 84 16.56 9.56 -13.42
CA SER A 84 17.47 10.59 -12.94
C SER A 84 17.66 10.46 -11.43
N LEU A 85 17.98 9.24 -11.01
CA LEU A 85 18.00 8.96 -9.58
C LEU A 85 19.17 9.69 -8.90
N ARG A 86 18.93 10.11 -7.67
CA ARG A 86 19.91 10.78 -6.84
C ARG A 86 20.18 9.99 -5.58
N ALA A 87 21.35 10.22 -5.00
CA ALA A 87 21.70 9.60 -3.73
C ALA A 87 20.62 9.85 -2.69
N GLU A 88 20.01 11.02 -2.74
CA GLU A 88 18.96 11.40 -1.79
C GLU A 88 17.67 10.61 -1.99
N ASP A 89 17.55 9.85 -3.07
CA ASP A 89 16.42 8.93 -3.26
C ASP A 89 16.63 7.58 -2.60
N THR A 90 17.81 7.32 -2.04
CA THR A 90 18.07 6.07 -1.33
C THR A 90 17.06 5.91 -0.19
N ALA A 91 16.37 4.77 -0.17
CA ALA A 91 15.32 4.56 0.82
C ALA A 91 14.69 3.20 0.63
N VAL A 92 13.97 2.75 1.67
CA VAL A 92 12.99 1.69 1.51
C VAL A 92 11.73 2.31 0.93
N TYR A 93 11.23 1.72 -0.15
CA TYR A 93 10.01 2.20 -0.85
C TYR A 93 8.84 1.28 -0.53
N TYR A 94 7.80 1.83 0.05
CA TYR A 94 6.56 1.10 0.36
C TYR A 94 5.44 1.49 -0.59
N CYS A 95 4.58 0.57 -0.97
CA CYS A 95 3.34 0.90 -1.70
C CYS A 95 2.25 0.77 -0.65
N ALA A 96 1.22 1.58 -0.72
CA ALA A 96 0.14 1.55 0.28
C ALA A 96 -1.20 1.90 -0.34
N ARG A 97 -2.26 1.41 0.27
CA ARG A 97 -3.62 1.76 -0.17
C ARG A 97 -4.04 3.01 0.60
N LEU A 98 -4.50 4.01 -0.13
CA LEU A 98 -4.97 5.27 0.44
C LEU A 98 -6.49 5.21 0.52
N VAL A 99 -7.00 5.14 1.75
CA VAL A 99 -8.44 5.11 1.96
C VAL A 99 -9.06 6.40 1.46
N GLY A 100 -10.21 6.28 0.81
CA GLY A 100 -10.99 7.43 0.39
C GLY A 100 -12.42 7.32 0.84
N ALA A 101 -13.24 8.27 0.41
CA ALA A 101 -14.62 8.34 0.83
C ALA A 101 -15.41 7.10 0.43
N LEU A 102 -15.06 6.48 -0.69
CA LEU A 102 -15.79 5.33 -1.19
C LEU A 102 -15.16 3.99 -0.80
N THR A 103 -14.12 3.98 0.01
CA THR A 103 -13.54 2.71 0.45
C THR A 103 -14.52 1.98 1.36
N ASN A 104 -14.54 0.65 1.25
CA ASN A 104 -15.59 -0.11 1.91
C ASN A 104 -15.48 -0.08 3.44
N ILE A 105 -14.33 0.26 4.01
CA ILE A 105 -14.22 0.28 5.47
C ILE A 105 -14.51 1.67 6.02
N VAL A 106 -14.90 2.60 5.16
CA VAL A 106 -15.34 3.93 5.55
C VAL A 106 -16.86 3.93 5.62
N VAL A 107 -17.41 4.38 6.73
CA VAL A 107 -18.85 4.45 6.92
C VAL A 107 -19.38 5.82 6.53
N SER A 108 -18.61 6.85 6.83
CA SER A 108 -18.95 8.22 6.46
C SER A 108 -17.62 8.97 6.46
N GLY A 109 -17.62 10.12 5.84
CA GLY A 109 -16.41 10.91 5.81
C GLY A 109 -15.54 10.61 4.61
N ASP A 110 -14.29 11.07 4.72
CA ASP A 110 -13.42 11.22 3.57
C ASP A 110 -12.26 10.23 3.53
N GLY A 111 -12.03 9.45 4.56
CA GLY A 111 -10.86 8.59 4.56
C GLY A 111 -9.59 9.40 4.77
N GLY A 112 -8.64 9.27 3.85
CA GLY A 112 -7.45 10.09 3.90
C GLY A 112 -6.34 9.55 4.77
N ALA A 113 -6.06 8.25 4.61
CA ALA A 113 -5.03 7.59 5.39
C ALA A 113 -4.60 6.31 4.71
N PHE A 114 -3.40 5.84 5.06
CA PHE A 114 -2.76 4.67 4.45
C PHE A 114 -2.93 3.48 5.39
N ASP A 115 -3.84 2.56 5.05
CA ASP A 115 -4.15 1.47 5.99
C ASP A 115 -3.52 0.14 5.59
N ILE A 116 -3.28 -0.12 4.31
CA ILE A 116 -2.63 -1.35 3.85
C ILE A 116 -1.27 -0.99 3.31
N TRP A 117 -0.24 -1.64 3.82
CA TRP A 117 1.15 -1.34 3.44
C TRP A 117 1.85 -2.63 3.01
N GLY A 118 2.76 -2.53 2.04
CA GLY A 118 3.67 -3.61 1.73
C GLY A 118 4.80 -3.72 2.74
N GLN A 119 5.75 -4.62 2.45
CA GLN A 119 6.91 -4.82 3.32
C GLN A 119 8.05 -3.87 3.00
N GLY A 120 8.03 -3.26 1.83
CA GLY A 120 9.06 -2.32 1.37
C GLY A 120 10.14 -3.00 0.57
N THR A 121 10.73 -2.25 -0.34
CA THR A 121 11.86 -2.72 -1.14
C THR A 121 12.95 -1.67 -1.09
N MET A 122 14.20 -2.08 -0.89
CA MET A 122 15.31 -1.16 -0.65
C MET A 122 15.93 -0.70 -1.96
N VAL A 123 16.08 0.60 -2.10
CA VAL A 123 16.71 1.25 -3.27
C VAL A 123 17.94 2.01 -2.78
N THR A 124 19.09 1.68 -3.34
CA THR A 124 20.34 2.34 -2.99
C THR A 124 20.89 3.02 -4.24
N VAL A 125 21.06 4.34 -4.17
CA VAL A 125 21.62 5.10 -5.27
C VAL A 125 23.03 5.50 -4.85
N SER A 126 24.02 4.90 -5.49
CA SER A 126 25.42 5.08 -5.13
C SER A 126 26.29 4.82 -6.34
N SER A 127 27.45 5.45 -6.35
CA SER A 127 28.47 5.12 -7.35
C SER A 127 29.33 3.93 -6.94
N ALA A 128 29.25 3.49 -5.70
CA ALA A 128 30.03 2.34 -5.26
C ALA A 128 29.51 1.07 -5.92
N SER A 129 30.44 0.16 -6.20
CA SER A 129 30.10 -1.09 -6.87
C SER A 129 29.60 -2.10 -5.86
N THR A 130 28.74 -3.00 -6.33
CA THR A 130 28.25 -4.07 -5.47
C THR A 130 29.40 -5.00 -5.11
N LYS A 131 29.43 -5.44 -3.86
CA LYS A 131 30.49 -6.36 -3.35
C LYS A 131 29.85 -7.46 -2.52
N GLY A 132 29.96 -8.71 -2.96
CA GLY A 132 29.42 -9.86 -2.22
C GLY A 132 30.18 -10.09 -0.92
N PRO A 133 29.54 -10.60 0.13
CA PRO A 133 30.20 -10.76 1.41
C PRO A 133 31.14 -11.95 1.50
N SER A 134 32.06 -11.95 2.46
CA SER A 134 32.91 -13.13 2.77
C SER A 134 32.32 -13.74 4.02
N VAL A 135 31.89 -14.99 3.99
CA VAL A 135 31.20 -15.64 5.16
C VAL A 135 32.19 -16.49 5.93
N PHE A 136 32.35 -16.23 7.22
CA PHE A 136 33.28 -16.98 8.10
C PHE A 136 32.48 -17.64 9.21
N PRO A 137 32.87 -18.84 9.67
CA PRO A 137 32.17 -19.49 10.79
C PRO A 137 32.60 -18.90 12.12
N LEU A 138 31.62 -18.70 13.01
CA LEU A 138 31.86 -18.28 14.39
C LEU A 138 31.70 -19.53 15.25
N ALA A 139 32.81 -20.18 15.57
CA ALA A 139 32.77 -21.53 16.10
C ALA A 139 32.25 -21.57 17.54
N PRO A 140 31.65 -22.68 17.94
CA PRO A 140 31.29 -22.85 19.35
C PRO A 140 32.53 -23.12 20.20
N SER A 141 32.44 -22.74 21.46
CA SER A 141 33.49 -23.05 22.43
C SER A 141 33.01 -24.09 23.44
N GLY A 148 23.06 -27.38 29.32
CA GLY A 148 24.11 -26.84 28.48
C GLY A 148 23.60 -26.18 27.21
N THR A 149 23.98 -24.92 27.02
CA THR A 149 23.64 -24.15 25.83
C THR A 149 24.93 -23.67 25.17
N ALA A 150 24.87 -23.53 23.84
CA ALA A 150 26.05 -23.19 23.04
C ALA A 150 25.67 -22.15 21.99
N ALA A 151 26.49 -21.11 21.89
CA ALA A 151 26.29 -20.05 20.90
C ALA A 151 27.26 -20.26 19.74
N LEU A 152 26.72 -20.45 18.55
CA LEU A 152 27.54 -20.51 17.34
C LEU A 152 26.96 -19.55 16.34
N GLY A 153 27.69 -19.24 15.28
CA GLY A 153 27.14 -18.34 14.30
C GLY A 153 27.97 -18.23 13.05
N CYS A 154 27.71 -17.15 12.29
CA CYS A 154 28.61 -16.83 11.20
C CYS A 154 28.58 -15.33 10.93
N LEU A 155 29.73 -14.88 10.45
CA LEU A 155 30.01 -13.48 10.15
C LEU A 155 29.92 -13.28 8.65
N VAL A 156 29.09 -12.32 8.24
CA VAL A 156 28.96 -11.89 6.85
C VAL A 156 29.68 -10.55 6.75
N LYS A 157 30.83 -10.55 6.09
CA LYS A 157 31.79 -9.45 6.17
C LYS A 157 31.92 -8.74 4.83
N ASP A 158 31.88 -7.40 4.88
CA ASP A 158 32.29 -6.53 3.78
C ASP A 158 31.44 -6.77 2.52
N TYR A 159 30.17 -6.42 2.64
CA TYR A 159 29.26 -6.50 1.51
C TYR A 159 28.60 -5.14 1.26
N PHE A 160 28.07 -4.99 0.05
CA PHE A 160 27.40 -3.76 -0.34
C PHE A 160 26.57 -4.01 -1.59
N PRO A 161 25.31 -3.53 -1.65
CA PRO A 161 24.59 -2.80 -0.60
C PRO A 161 23.75 -3.72 0.28
N GLU A 162 22.94 -3.13 1.15
CA GLU A 162 21.93 -3.90 1.84
C GLU A 162 20.86 -4.35 0.84
N PRO A 163 20.13 -5.44 1.14
CA PRO A 163 20.20 -6.21 2.37
C PRO A 163 20.86 -7.57 2.18
N VAL A 164 21.01 -8.30 3.27
CA VAL A 164 21.46 -9.68 3.26
C VAL A 164 20.45 -10.50 4.03
N THR A 165 20.14 -11.70 3.53
CA THR A 165 19.27 -12.64 4.22
C THR A 165 20.10 -13.80 4.76
N VAL A 166 19.75 -14.25 5.96
CA VAL A 166 20.47 -15.31 6.65
C VAL A 166 19.45 -16.30 7.19
N SER A 167 19.59 -17.57 6.82
CA SER A 167 18.79 -18.66 7.36
C SER A 167 19.74 -19.70 7.97
N TRP A 168 19.17 -20.65 8.71
CA TRP A 168 19.94 -21.72 9.31
C TRP A 168 19.35 -23.06 8.91
N ASN A 169 20.20 -23.98 8.47
CA ASN A 169 19.76 -25.27 7.97
C ASN A 169 18.59 -25.09 7.00
N SER A 170 18.80 -24.20 6.03
CA SER A 170 17.82 -23.92 4.98
C SER A 170 16.43 -23.69 5.55
N GLY A 171 16.38 -22.98 6.68
CA GLY A 171 15.13 -22.60 7.30
C GLY A 171 14.63 -23.55 8.38
N ALA A 172 15.16 -24.76 8.44
CA ALA A 172 14.67 -25.73 9.42
C ALA A 172 14.94 -25.28 10.85
N LEU A 173 16.01 -24.53 11.06
CA LEU A 173 16.43 -24.08 12.38
C LEU A 173 16.07 -22.60 12.53
N THR A 174 15.06 -22.32 13.33
CA THR A 174 14.63 -20.95 13.60
C THR A 174 14.65 -20.59 15.07
N SER A 175 14.51 -21.55 15.98
CA SER A 175 14.56 -21.26 17.40
C SER A 175 15.97 -20.89 17.82
N GLY A 176 16.09 -19.89 18.68
CA GLY A 176 17.38 -19.44 19.16
C GLY A 176 18.19 -18.63 18.18
N VAL A 177 17.64 -18.34 16.99
CA VAL A 177 18.37 -17.59 15.97
C VAL A 177 18.21 -16.11 16.24
N HIS A 178 19.32 -15.36 16.07
CA HIS A 178 19.34 -13.92 16.25
C HIS A 178 20.32 -13.37 15.22
N THR A 179 19.78 -12.80 14.14
CA THR A 179 20.58 -12.12 13.14
C THR A 179 20.64 -10.65 13.52
N PHE A 180 21.85 -10.12 13.62
CA PHE A 180 22.01 -8.77 14.17
C PHE A 180 21.96 -7.73 13.05
N PRO A 181 21.40 -6.56 13.33
CA PRO A 181 21.46 -5.47 12.34
C PRO A 181 22.91 -5.21 11.92
N ALA A 182 23.08 -4.90 10.65
CA ALA A 182 24.43 -4.76 10.11
C ALA A 182 25.07 -3.46 10.55
N VAL A 183 26.38 -3.50 10.68
CA VAL A 183 27.18 -2.30 10.90
C VAL A 183 27.54 -1.75 9.53
N LEU A 184 27.54 -0.43 9.39
CA LEU A 184 28.08 0.23 8.21
C LEU A 184 29.46 0.75 8.57
N GLN A 185 30.49 0.18 7.96
CA GLN A 185 31.86 0.53 8.28
C GLN A 185 32.26 1.85 7.63
N SER A 186 33.42 2.35 8.06
CA SER A 186 33.98 3.57 7.46
C SER A 186 34.32 3.35 6.00
N SER A 187 34.66 2.11 5.63
CA SER A 187 34.90 1.75 4.25
C SER A 187 33.67 1.91 3.37
N GLY A 188 32.51 2.15 3.96
CA GLY A 188 31.27 2.12 3.21
C GLY A 188 30.72 0.74 2.95
N LEU A 189 31.33 -0.28 3.55
CA LEU A 189 30.88 -1.66 3.42
C LEU A 189 30.20 -2.11 4.70
N TYR A 190 29.26 -3.03 4.54
CA TYR A 190 28.45 -3.53 5.65
C TYR A 190 29.04 -4.84 6.18
N SER A 191 28.78 -5.10 7.46
CA SER A 191 29.04 -6.40 8.05
C SER A 191 27.94 -6.72 9.04
N LEU A 192 27.56 -7.99 9.11
CA LEU A 192 26.56 -8.42 10.08
C LEU A 192 26.98 -9.79 10.61
N SER A 193 26.32 -10.21 11.67
CA SER A 193 26.55 -11.51 12.25
C SER A 193 25.20 -12.14 12.59
N SER A 194 25.13 -13.46 12.44
CA SER A 194 23.97 -14.21 12.87
C SER A 194 24.46 -15.27 13.85
N VAL A 195 23.77 -15.40 14.97
CA VAL A 195 24.16 -16.35 16.00
C VAL A 195 22.93 -17.13 16.45
N VAL A 196 23.10 -18.42 16.66
CA VAL A 196 22.05 -19.28 17.16
C VAL A 196 22.54 -19.97 18.43
N THR A 197 21.64 -20.05 19.40
CA THR A 197 21.85 -20.81 20.62
C THR A 197 21.24 -22.19 20.43
N VAL A 198 22.04 -23.22 20.67
CA VAL A 198 21.63 -24.60 20.43
C VAL A 198 22.00 -25.42 21.66
N PRO A 199 21.37 -26.58 21.84
CA PRO A 199 21.83 -27.50 22.89
C PRO A 199 23.29 -27.89 22.67
N SER A 200 24.09 -27.77 23.73
CA SER A 200 25.49 -28.17 23.62
C SER A 200 25.62 -29.63 23.21
N SER A 201 24.71 -30.48 23.69
CA SER A 201 24.80 -31.91 23.39
C SER A 201 24.67 -32.19 21.90
N SER A 202 24.20 -31.24 21.11
CA SER A 202 24.08 -31.41 19.67
C SER A 202 25.35 -31.03 18.94
N LEU A 203 26.36 -30.51 19.64
CA LEU A 203 27.58 -30.06 18.99
C LEU A 203 28.36 -31.26 18.45
N GLY A 204 28.63 -31.26 17.15
CA GLY A 204 29.40 -32.31 16.52
C GLY A 204 28.58 -33.46 15.99
N THR A 205 27.28 -33.50 16.27
CA THR A 205 26.37 -34.48 15.69
C THR A 205 25.32 -33.83 14.81
N GLN A 206 24.76 -32.71 15.25
CA GLN A 206 23.86 -31.92 14.43
C GLN A 206 24.69 -30.98 13.56
N THR A 207 24.48 -31.03 12.26
CA THR A 207 25.14 -30.11 11.35
C THR A 207 24.42 -28.76 11.40
N TYR A 208 25.20 -27.69 11.50
CA TYR A 208 24.67 -26.33 11.51
C TYR A 208 25.28 -25.60 10.33
N ILE A 209 24.41 -25.15 9.43
CA ILE A 209 24.81 -24.40 8.24
C ILE A 209 24.08 -23.06 8.29
N CYS A 210 24.82 -21.98 8.09
CA CYS A 210 24.19 -20.71 7.84
C CYS A 210 24.15 -20.51 6.33
N ASN A 211 22.94 -20.24 5.81
CA ASN A 211 22.70 -19.95 4.41
C ASN A 211 22.61 -18.44 4.26
N VAL A 212 23.62 -17.86 3.63
CA VAL A 212 23.74 -16.42 3.46
C VAL A 212 23.43 -16.10 2.01
N ASN A 213 22.58 -15.09 1.78
CA ASN A 213 22.22 -14.67 0.44
C ASN A 213 22.31 -13.14 0.35
N HIS A 214 23.10 -12.67 -0.61
CA HIS A 214 23.27 -11.25 -0.96
C HIS A 214 22.90 -11.17 -2.44
N LYS A 215 21.62 -10.92 -2.71
CA LYS A 215 21.15 -10.91 -4.09
C LYS A 215 21.82 -9.86 -4.97
N PRO A 216 22.10 -8.63 -4.48
CA PRO A 216 22.69 -7.57 -5.30
C PRO A 216 23.92 -8.09 -6.04
N SER A 217 24.76 -8.90 -5.37
CA SER A 217 25.94 -9.50 -5.95
C SER A 217 25.74 -10.95 -6.33
N ASN A 218 24.53 -11.50 -6.11
CA ASN A 218 24.21 -12.86 -6.48
C ASN A 218 25.06 -13.87 -5.71
N THR A 219 25.32 -13.56 -4.44
CA THR A 219 26.16 -14.40 -3.59
C THR A 219 25.24 -15.27 -2.73
N LYS A 220 25.29 -16.59 -2.94
CA LYS A 220 24.64 -17.55 -2.05
C LYS A 220 25.73 -18.46 -1.50
N VAL A 221 25.89 -18.47 -0.17
CA VAL A 221 26.97 -19.20 0.48
C VAL A 221 26.37 -20.03 1.61
N ASP A 222 26.67 -21.33 1.59
CA ASP A 222 26.34 -22.23 2.69
C ASP A 222 27.62 -22.47 3.47
N LYS A 223 27.63 -22.07 4.75
CA LYS A 223 28.83 -22.18 5.58
C LYS A 223 28.53 -23.06 6.78
N LYS A 224 29.29 -24.13 6.93
CA LYS A 224 29.13 -25.04 8.06
C LYS A 224 29.95 -24.55 9.23
N VAL A 225 29.31 -24.48 10.40
CA VAL A 225 29.95 -24.04 11.63
C VAL A 225 30.25 -25.30 12.43
N GLU A 226 31.54 -25.54 12.69
CA GLU A 226 31.99 -26.75 13.35
C GLU A 226 32.74 -26.38 14.63
N PRO A 227 32.65 -27.19 15.68
CA PRO A 227 33.50 -26.96 16.84
C PRO A 227 34.97 -26.93 16.41
N LYS A 228 35.78 -26.23 17.19
CA LYS A 228 37.19 -26.07 16.83
C LYS A 228 37.95 -27.36 17.06
N SER A 229 38.70 -27.79 16.03
CA SER A 229 39.54 -28.98 16.10
C SER A 229 40.97 -28.57 15.78
N CYS A 230 41.86 -28.68 16.78
CA CYS A 230 43.27 -28.42 16.53
C CYS A 230 43.90 -29.65 15.88
N SER B 1 12.96 18.00 3.10
CA SER B 1 11.81 18.59 2.37
C SER B 1 10.75 18.98 3.38
N TYR B 2 9.76 19.78 2.95
CA TYR B 2 8.72 20.22 3.87
C TYR B 2 8.13 19.01 4.59
N GLU B 3 8.05 19.10 5.91
CA GLU B 3 7.45 18.04 6.73
C GLU B 3 6.71 18.68 7.88
N LEU B 4 5.76 17.94 8.44
CA LEU B 4 5.14 18.32 9.70
C LEU B 4 6.14 18.12 10.85
N THR B 5 6.08 18.98 11.85
CA THR B 5 7.08 18.96 12.92
C THR B 5 6.54 18.23 14.13
N GLN B 6 7.24 17.18 14.54
CA GLN B 6 6.97 16.38 15.71
C GLN B 6 8.18 16.42 16.64
N PRO B 7 7.99 16.32 17.95
CA PRO B 7 9.15 16.16 18.83
C PRO B 7 9.90 14.90 18.44
N ALA B 8 11.22 14.98 18.49
CA ALA B 8 12.00 13.79 18.15
C ALA B 8 11.76 12.66 19.14
N SER B 9 11.46 12.99 20.40
CA SER B 9 11.31 11.98 21.43
C SER B 9 10.38 12.48 22.51
N VAL B 10 9.58 11.55 23.06
CA VAL B 10 8.79 11.81 24.26
C VAL B 10 8.92 10.61 25.17
N SER B 11 8.72 10.84 26.47
CA SER B 11 8.80 9.78 27.47
C SER B 11 7.60 9.88 28.40
N GLY B 12 7.12 8.72 28.84
CA GLY B 12 6.00 8.67 29.77
C GLY B 12 6.13 7.46 30.67
N SER B 13 5.45 7.53 31.84
CA SER B 13 5.48 6.40 32.74
C SER B 13 4.24 5.52 32.55
N PRO B 14 4.37 4.23 32.83
CA PRO B 14 3.23 3.32 32.60
C PRO B 14 2.03 3.74 33.43
N GLY B 15 0.84 3.54 32.85
CA GLY B 15 -0.38 3.98 33.45
C GLY B 15 -0.68 5.45 33.24
N GLN B 16 0.30 6.25 32.85
CA GLN B 16 0.11 7.67 32.62
C GLN B 16 -0.23 7.89 31.15
N SER B 17 -0.63 9.12 30.85
CA SER B 17 -0.88 9.51 29.46
C SER B 17 0.29 10.33 28.94
N ILE B 18 0.43 10.31 27.63
CA ILE B 18 1.48 11.05 26.92
C ILE B 18 0.86 11.60 25.67
N THR B 19 1.27 12.80 25.27
CA THR B 19 0.81 13.43 24.05
C THR B 19 1.98 13.74 23.15
N ILE B 20 1.79 13.49 21.87
CA ILE B 20 2.76 13.76 20.82
C ILE B 20 2.14 14.80 19.91
N SER B 21 2.83 15.92 19.72
CA SER B 21 2.31 16.95 18.83
C SER B 21 2.83 16.84 17.41
N CYS B 22 2.17 17.57 16.52
CA CYS B 22 2.39 17.44 15.07
C CYS B 22 2.00 18.79 14.45
N THR B 23 2.98 19.67 14.26
CA THR B 23 2.70 21.04 13.89
C THR B 23 2.93 21.25 12.40
N GLY B 24 1.86 21.65 11.71
CA GLY B 24 1.99 22.05 10.32
C GLY B 24 1.70 23.51 10.14
N THR B 25 0.87 23.82 9.15
CA THR B 25 0.56 25.21 8.79
C THR B 25 -0.91 25.31 8.43
N SER B 26 -1.35 26.55 8.21
CA SER B 26 -2.75 26.80 7.90
C SER B 26 -3.19 26.10 6.64
N SER B 27 -2.27 25.72 5.77
CA SER B 27 -2.63 25.10 4.50
C SER B 27 -2.58 23.57 4.54
N ASP B 28 -2.22 22.96 5.66
CA ASP B 28 -2.38 21.51 5.77
C ASP B 28 -3.18 21.16 7.02
N VAL B 29 -2.53 20.99 8.17
CA VAL B 29 -3.26 20.65 9.40
C VAL B 29 -4.37 21.63 9.67
N GLY B 30 -4.10 22.93 9.47
CA GLY B 30 -5.06 23.94 9.80
C GLY B 30 -6.21 24.08 8.84
N SER B 31 -6.17 23.42 7.69
CA SER B 31 -7.21 23.55 6.68
C SER B 31 -8.11 22.33 6.57
N TYR B 32 -7.67 21.15 6.97
CA TYR B 32 -8.42 19.94 6.71
C TYR B 32 -8.54 19.11 7.98
N ASN B 33 -9.56 18.27 7.98
CA ASN B 33 -9.77 17.24 9.00
C ASN B 33 -9.27 15.90 8.52
N LEU B 34 -8.04 15.89 8.06
CA LEU B 34 -7.45 14.73 7.37
C LEU B 34 -6.08 14.40 7.95
N VAL B 35 -5.98 14.41 9.28
CA VAL B 35 -4.76 14.03 9.98
C VAL B 35 -4.86 12.56 10.32
N SER B 36 -3.78 11.83 10.07
CA SER B 36 -3.71 10.41 10.42
C SER B 36 -2.43 10.19 11.21
N TRP B 37 -2.45 9.12 12.00
CA TRP B 37 -1.32 8.73 12.82
C TRP B 37 -1.03 7.25 12.64
N TYR B 38 0.27 6.94 12.73
CA TYR B 38 0.88 5.65 12.45
C TYR B 38 1.86 5.28 13.55
N GLN B 39 1.88 4.00 13.84
CA GLN B 39 2.87 3.38 14.70
C GLN B 39 3.79 2.53 13.84
N GLN B 40 5.09 2.60 14.12
CA GLN B 40 6.08 1.83 13.38
C GLN B 40 7.09 1.18 14.31
N HIS B 41 7.09 -0.17 14.29
CA HIS B 41 8.11 -1.01 14.90
C HIS B 41 9.31 -1.12 13.96
N PRO B 42 10.51 -1.27 14.51
CA PRO B 42 11.69 -1.38 13.64
C PRO B 42 11.56 -2.51 12.65
N GLY B 43 11.94 -2.22 11.41
CA GLY B 43 11.92 -3.21 10.36
C GLY B 43 10.55 -3.58 9.82
N LYS B 44 9.48 -2.94 10.30
CA LYS B 44 8.13 -3.27 9.90
C LYS B 44 7.48 -2.07 9.24
N ALA B 45 6.44 -2.33 8.45
CA ALA B 45 5.70 -1.24 7.84
C ALA B 45 4.91 -0.49 8.92
N PRO B 46 4.62 0.78 8.69
CA PRO B 46 3.76 1.51 9.63
C PRO B 46 2.39 0.89 9.72
N LYS B 47 1.75 1.09 10.88
CA LYS B 47 0.37 0.67 11.13
C LYS B 47 -0.49 1.90 11.37
N LEU B 48 -1.64 1.97 10.70
CA LEU B 48 -2.56 3.09 10.86
C LEU B 48 -3.26 3.02 12.22
N MET B 49 -3.14 4.08 13.00
CA MET B 49 -3.77 4.13 14.32
C MET B 49 -4.96 5.08 14.41
N ILE B 50 -4.89 6.18 13.67
CA ILE B 50 -5.89 7.24 13.75
C ILE B 50 -6.07 7.83 12.35
N TYR B 51 -7.28 8.20 11.99
CA TYR B 51 -7.48 8.96 10.75
C TYR B 51 -8.64 9.94 10.91
N GLU B 52 -8.73 10.91 10.00
CA GLU B 52 -9.67 12.03 10.09
C GLU B 52 -9.64 12.65 11.50
N VAL B 53 -8.42 12.89 11.97
CA VAL B 53 -8.08 13.58 13.21
C VAL B 53 -8.29 12.68 14.43
N SER B 54 -9.43 11.99 14.49
CA SER B 54 -9.83 11.34 15.74
C SER B 54 -10.43 9.94 15.59
N LYS B 55 -10.60 9.43 14.38
CA LYS B 55 -11.25 8.13 14.21
C LYS B 55 -10.21 7.02 14.33
N ARG B 56 -10.65 5.89 14.87
CA ARG B 56 -9.77 4.73 15.00
C ARG B 56 -10.21 3.65 14.02
N PRO B 57 -9.30 3.05 13.27
CA PRO B 57 -9.68 1.85 12.50
C PRO B 57 -10.14 0.74 13.42
N SER B 58 -10.95 -0.16 12.87
CA SER B 58 -11.42 -1.31 13.62
C SER B 58 -10.24 -2.02 14.25
N GLY B 59 -10.38 -2.37 15.53
CA GLY B 59 -9.37 -3.14 16.23
C GLY B 59 -8.32 -2.33 16.95
N VAL B 60 -8.25 -1.04 16.73
CA VAL B 60 -7.25 -0.20 17.39
C VAL B 60 -7.77 0.20 18.76
N SER B 61 -6.93 0.05 19.77
CA SER B 61 -7.34 0.31 21.15
C SER B 61 -7.81 1.74 21.33
N ASN B 62 -8.83 1.91 22.18
CA ASN B 62 -9.27 3.26 22.54
C ASN B 62 -8.28 3.97 23.47
N ARG B 63 -7.16 3.33 23.83
CA ARG B 63 -6.06 4.05 24.48
C ARG B 63 -5.48 5.16 23.59
N PHE B 64 -5.66 5.06 22.27
CA PHE B 64 -5.14 6.04 21.33
C PHE B 64 -6.25 7.00 20.93
N SER B 65 -5.97 8.29 21.04
CA SER B 65 -6.95 9.30 20.65
C SER B 65 -6.23 10.44 19.93
N GLY B 66 -6.95 11.07 19.01
CA GLY B 66 -6.39 12.16 18.24
C GLY B 66 -7.24 13.39 18.35
N SER B 67 -6.60 14.56 18.22
CA SER B 67 -7.27 15.83 18.23
C SER B 67 -6.45 16.83 17.41
N LYS B 68 -6.99 18.01 17.23
CA LYS B 68 -6.28 19.08 16.53
C LYS B 68 -6.74 20.43 17.05
N SER B 69 -5.86 21.42 17.02
CA SER B 69 -6.18 22.79 17.39
C SER B 69 -5.30 23.70 16.55
N GLY B 70 -5.94 24.56 15.76
CA GLY B 70 -5.15 25.41 14.88
C GLY B 70 -4.32 24.56 13.95
N ASN B 71 -3.03 24.85 13.88
CA ASN B 71 -2.13 24.16 12.99
C ASN B 71 -1.47 22.95 13.60
N THR B 72 -1.90 22.52 14.77
CA THR B 72 -1.20 21.45 15.49
C THR B 72 -2.16 20.31 15.81
N ALA B 73 -1.80 19.11 15.40
CA ALA B 73 -2.54 17.91 15.75
C ALA B 73 -1.80 17.20 16.89
N SER B 74 -2.56 16.44 17.69
CA SER B 74 -2.00 15.76 18.83
C SER B 74 -2.52 14.34 18.90
N LEU B 75 -1.61 13.41 19.14
CA LEU B 75 -1.95 12.04 19.50
C LEU B 75 -1.73 11.86 20.99
N THR B 76 -2.75 11.39 21.70
CA THR B 76 -2.65 11.09 23.12
C THR B 76 -2.78 9.58 23.31
N ILE B 77 -1.82 9.02 24.04
CA ILE B 77 -1.79 7.60 24.38
C ILE B 77 -1.97 7.48 25.89
N SER B 78 -2.99 6.74 26.30
CA SER B 78 -3.25 6.51 27.71
C SER B 78 -2.92 5.05 28.06
N GLY B 79 -2.93 4.77 29.37
CA GLY B 79 -2.57 3.46 29.86
C GLY B 79 -1.31 2.94 29.20
N LEU B 80 -0.24 3.74 29.24
CA LEU B 80 0.97 3.41 28.52
C LEU B 80 1.46 2.00 28.86
N GLN B 81 1.87 1.26 27.83
CA GLN B 81 2.32 -0.11 27.97
C GLN B 81 3.69 -0.26 27.32
N ALA B 82 4.48 -1.21 27.82
CA ALA B 82 5.81 -1.44 27.25
C ALA B 82 5.73 -1.57 25.74
N GLU B 83 4.66 -2.18 25.24
CA GLU B 83 4.45 -2.37 23.81
C GLU B 83 4.46 -1.05 23.03
N ASP B 84 4.18 0.07 23.70
CA ASP B 84 4.05 1.36 23.03
C ASP B 84 5.38 1.98 22.64
N GLU B 85 6.51 1.42 23.08
CA GLU B 85 7.83 2.01 22.90
C GLU B 85 8.32 1.77 21.48
N VAL B 86 7.82 2.61 20.57
CA VAL B 86 7.92 2.47 19.12
C VAL B 86 7.99 3.87 18.53
N ASP B 87 8.06 4.00 17.19
CA ASP B 87 7.99 5.31 16.56
C ASP B 87 6.55 5.62 16.17
N TYR B 88 6.22 6.92 16.16
CA TYR B 88 4.89 7.41 15.75
C TYR B 88 5.06 8.52 14.74
N TYR B 89 4.24 8.48 13.70
CA TYR B 89 4.21 9.49 12.65
C TYR B 89 2.82 10.09 12.50
N CYS B 90 2.77 11.41 12.27
CA CYS B 90 1.53 12.02 11.82
C CYS B 90 1.62 12.27 10.33
N CYS B 91 0.46 12.50 9.73
CA CYS B 91 0.35 12.75 8.29
C CYS B 91 -0.87 13.65 8.06
N SER B 92 -0.80 14.58 7.12
CA SER B 92 -1.95 15.42 6.79
C SER B 92 -2.12 15.60 5.30
N TYR B 93 -3.35 15.76 4.87
CA TYR B 93 -3.61 16.21 3.50
C TYR B 93 -2.88 17.54 3.39
N ALA B 94 -2.27 17.82 2.26
CA ALA B 94 -1.53 19.08 2.04
C ALA B 94 -2.13 19.83 0.86
N GLY B 95 -3.38 19.52 0.50
CA GLY B 95 -4.07 20.19 -0.57
C GLY B 95 -3.80 19.54 -1.91
N SER B 96 -4.75 19.70 -2.80
CA SER B 96 -4.61 19.28 -4.20
C SER B 96 -3.98 17.88 -4.33
N SER B 97 -4.60 16.94 -3.63
CA SER B 97 -4.32 15.51 -3.74
C SER B 97 -2.88 15.12 -3.30
N THR B 98 -2.25 15.93 -2.44
CA THR B 98 -0.93 15.64 -1.90
C THR B 98 -1.04 15.37 -0.40
N TRP B 99 -0.01 14.74 0.15
CA TRP B 99 0.03 14.30 1.55
C TRP B 99 1.42 14.64 2.10
N VAL B 100 1.49 14.92 3.39
CA VAL B 100 2.76 15.24 4.04
C VAL B 100 2.83 14.59 5.42
N PHE B 101 3.92 13.87 5.66
CA PHE B 101 4.21 13.23 6.93
C PHE B 101 4.99 14.16 7.86
N GLY B 102 4.83 13.92 9.15
CA GLY B 102 5.74 14.46 10.12
C GLY B 102 7.00 13.65 10.20
N GLY B 103 7.98 14.22 10.91
CA GLY B 103 9.32 13.63 11.02
C GLY B 103 9.42 12.41 11.94
N GLY B 104 8.38 12.08 12.69
CA GLY B 104 8.42 10.92 13.57
C GLY B 104 8.86 11.25 14.98
N THR B 105 8.33 10.49 15.93
CA THR B 105 8.63 10.64 17.36
C THR B 105 8.91 9.25 17.92
N LYS B 106 10.02 9.10 18.62
CA LYS B 106 10.33 7.89 19.37
C LYS B 106 9.76 8.02 20.77
N LEU B 107 8.86 7.12 21.15
CA LEU B 107 8.27 7.09 22.48
C LEU B 107 9.03 6.10 23.37
N THR B 108 9.43 6.57 24.53
CA THR B 108 10.05 5.75 25.56
C THR B 108 9.07 5.62 26.72
N VAL B 109 8.92 4.40 27.22
CA VAL B 109 8.05 4.12 28.36
C VAL B 109 8.98 3.86 29.53
N LEU B 110 8.97 4.78 30.49
CA LEU B 110 9.86 4.69 31.64
C LEU B 110 9.37 3.62 32.62
N GLY B 111 10.15 3.41 33.68
CA GLY B 111 9.74 2.57 34.78
C GLY B 111 9.83 1.09 34.54
N GLN B 112 10.21 0.66 33.34
CA GLN B 112 10.33 -0.76 33.07
C GLN B 112 11.54 -1.32 33.81
N PRO B 113 11.51 -2.61 34.16
CA PRO B 113 12.67 -3.22 34.80
C PRO B 113 13.90 -3.11 33.90
N LYS B 114 15.01 -2.66 34.50
CA LYS B 114 16.28 -2.67 33.81
C LYS B 114 16.70 -4.10 33.49
N ALA B 115 17.20 -4.32 32.28
CA ALA B 115 17.67 -5.63 31.85
C ALA B 115 19.12 -5.50 31.38
N ALA B 116 20.01 -6.28 32.02
CA ALA B 116 21.42 -6.22 31.68
C ALA B 116 21.69 -6.91 30.35
N PRO B 117 22.76 -6.54 29.67
CA PRO B 117 23.05 -7.13 28.35
C PRO B 117 23.73 -8.49 28.45
N SER B 118 23.24 -9.42 27.63
CA SER B 118 23.99 -10.65 27.35
C SER B 118 25.03 -10.34 26.28
N VAL B 119 26.26 -10.79 26.51
CA VAL B 119 27.38 -10.55 25.61
C VAL B 119 27.91 -11.89 25.13
N THR B 120 28.28 -11.95 23.86
CA THR B 120 29.00 -13.08 23.28
C THR B 120 30.16 -12.54 22.47
N LEU B 121 31.38 -13.01 22.73
CA LEU B 121 32.55 -12.54 22.03
C LEU B 121 33.23 -13.69 21.30
N PHE B 122 33.36 -13.58 19.98
CA PHE B 122 34.02 -14.54 19.12
C PHE B 122 35.38 -14.02 18.67
N PRO B 123 36.38 -14.90 18.58
CA PRO B 123 37.67 -14.50 18.05
C PRO B 123 37.67 -14.68 16.54
N PRO B 124 38.77 -14.36 15.85
CA PRO B 124 38.79 -14.56 14.40
C PRO B 124 38.80 -16.04 14.03
N SER B 125 38.00 -16.39 13.04
CA SER B 125 37.98 -17.75 12.54
C SER B 125 39.32 -18.09 11.88
N SER B 126 39.62 -19.39 11.82
CA SER B 126 40.86 -19.81 11.17
C SER B 126 40.85 -19.49 9.68
N GLU B 127 39.69 -19.57 9.04
CA GLU B 127 39.60 -19.21 7.63
C GLU B 127 40.00 -17.76 7.40
N GLU B 128 39.41 -16.85 8.18
CA GLU B 128 39.74 -15.43 8.01
C GLU B 128 41.23 -15.19 8.28
N LEU B 129 41.77 -15.78 9.34
CA LEU B 129 43.19 -15.66 9.61
C LEU B 129 44.02 -16.19 8.45
N GLN B 130 43.50 -17.21 7.74
CA GLN B 130 44.16 -17.69 6.54
C GLN B 130 44.07 -16.67 5.40
N ALA B 131 43.07 -15.80 5.43
CA ALA B 131 42.92 -14.76 4.41
C ALA B 131 43.67 -13.47 4.76
N ASN B 132 44.50 -13.49 5.80
CA ASN B 132 45.33 -12.34 6.20
C ASN B 132 44.49 -11.19 6.77
N LYS B 133 43.47 -11.52 7.56
CA LYS B 133 42.64 -10.53 8.21
C LYS B 133 42.20 -11.09 9.56
N ALA B 134 41.86 -10.20 10.50
CA ALA B 134 41.33 -10.64 11.78
C ALA B 134 40.17 -9.75 12.20
N THR B 135 39.11 -10.36 12.72
CA THR B 135 37.93 -9.64 13.15
C THR B 135 37.37 -10.29 14.41
N LEU B 136 37.35 -9.53 15.51
CA LEU B 136 36.73 -9.95 16.75
C LEU B 136 35.30 -9.42 16.80
N VAL B 137 34.38 -10.29 17.21
CA VAL B 137 32.95 -10.02 17.06
C VAL B 137 32.29 -10.04 18.43
N CYS B 138 31.72 -8.90 18.84
CA CYS B 138 31.11 -8.75 20.15
C CYS B 138 29.62 -8.46 19.96
N LEU B 139 28.79 -9.40 20.36
CA LEU B 139 27.35 -9.31 20.19
C LEU B 139 26.70 -9.02 21.54
N ILE B 140 25.76 -8.08 21.54
CA ILE B 140 25.12 -7.58 22.75
C ILE B 140 23.62 -7.67 22.52
N SER B 141 22.91 -8.33 23.43
CA SER B 141 21.49 -8.55 23.24
C SER B 141 20.74 -8.46 24.56
N ASP B 142 19.43 -8.22 24.44
CA ASP B 142 18.48 -8.36 25.55
C ASP B 142 18.69 -7.30 26.64
N PHE B 143 19.07 -6.08 26.27
CA PHE B 143 19.29 -5.03 27.25
C PHE B 143 18.19 -3.97 27.15
N TYR B 144 17.85 -3.39 28.31
CA TYR B 144 16.87 -2.33 28.44
C TYR B 144 17.27 -1.51 29.66
N PRO B 145 17.31 -0.17 29.58
CA PRO B 145 17.05 0.68 28.41
C PRO B 145 17.99 0.44 27.23
N GLY B 146 17.58 0.91 26.05
CA GLY B 146 18.31 0.64 24.82
C GLY B 146 19.47 1.56 24.59
N ALA B 147 20.48 1.47 25.46
CA ALA B 147 21.67 2.30 25.32
C ALA B 147 22.83 1.59 26.02
N VAL B 148 23.95 1.47 25.32
CA VAL B 148 25.15 0.86 25.85
C VAL B 148 26.35 1.59 25.29
N THR B 149 27.47 1.55 26.02
CA THR B 149 28.75 1.99 25.49
C THR B 149 29.68 0.78 25.42
N VAL B 150 30.50 0.72 24.38
CA VAL B 150 31.38 -0.43 24.16
C VAL B 150 32.82 0.04 24.13
N ALA B 151 33.67 -0.63 24.90
CA ALA B 151 35.10 -0.37 24.90
C ALA B 151 35.85 -1.68 24.76
N TRP B 152 36.80 -1.72 23.83
CA TRP B 152 37.63 -2.89 23.59
C TRP B 152 38.96 -2.74 24.32
N LYS B 153 39.58 -3.89 24.63
CA LYS B 153 40.84 -3.92 25.34
C LYS B 153 41.77 -4.97 24.74
N ALA B 154 43.06 -4.70 24.81
CA ALA B 154 44.12 -5.60 24.35
C ALA B 154 45.13 -5.72 25.49
N ASP B 155 45.02 -6.77 26.31
CA ASP B 155 45.89 -6.97 27.46
C ASP B 155 45.74 -5.83 28.46
N SER B 156 44.52 -5.31 28.60
CA SER B 156 44.16 -4.24 29.53
C SER B 156 44.52 -2.86 28.98
N SER B 157 44.85 -2.74 27.70
CA SER B 157 45.15 -1.45 27.11
C SER B 157 43.97 -0.98 26.26
N PRO B 158 43.68 0.33 26.25
CA PRO B 158 42.47 0.79 25.58
C PRO B 158 42.61 0.60 24.08
N VAL B 159 41.50 0.27 23.42
CA VAL B 159 41.47 0.04 21.99
C VAL B 159 40.34 0.86 21.41
N LYS B 160 40.68 1.80 20.53
CA LYS B 160 39.72 2.57 19.76
C LYS B 160 39.94 2.45 18.27
N ALA B 161 41.08 1.91 17.84
CA ALA B 161 41.39 1.73 16.42
C ALA B 161 40.82 0.41 15.95
N GLY B 162 39.94 0.47 14.94
CA GLY B 162 39.31 -0.71 14.41
C GLY B 162 37.93 -1.00 14.96
N VAL B 163 37.43 -0.16 15.87
CA VAL B 163 36.12 -0.39 16.47
C VAL B 163 35.04 0.19 15.56
N GLU B 164 34.06 -0.64 15.22
CA GLU B 164 32.85 -0.20 14.53
C GLU B 164 31.68 -0.77 15.33
N THR B 165 30.84 0.11 15.87
CA THR B 165 29.78 -0.30 16.79
C THR B 165 28.45 0.21 16.28
N THR B 166 27.47 -0.70 16.22
CA THR B 166 26.16 -0.34 15.72
C THR B 166 25.41 0.52 16.75
N THR B 167 24.33 1.12 16.30
CA THR B 167 23.37 1.70 17.24
C THR B 167 22.51 0.59 17.81
N PRO B 168 21.94 0.79 19.00
CA PRO B 168 21.02 -0.21 19.54
C PRO B 168 19.76 -0.28 18.70
N SER B 169 19.13 -1.45 18.70
CA SER B 169 17.96 -1.72 17.87
C SER B 169 16.96 -2.53 18.68
N LYS B 170 15.69 -2.16 18.61
CA LYS B 170 14.69 -2.82 19.45
C LYS B 170 14.39 -4.23 18.93
N GLN B 171 14.30 -5.17 19.86
CA GLN B 171 14.00 -6.56 19.55
C GLN B 171 12.50 -6.83 19.68
N SER B 172 12.08 -8.02 19.23
CA SER B 172 10.68 -8.40 19.32
C SER B 172 10.18 -8.39 20.76
N ASN B 173 11.05 -8.70 21.73
CA ASN B 173 10.67 -8.84 23.12
C ASN B 173 10.66 -7.51 23.88
N ASN B 174 10.80 -6.38 23.20
CA ASN B 174 10.84 -5.05 23.79
C ASN B 174 12.17 -4.76 24.52
N LYS B 175 13.21 -5.55 24.26
CA LYS B 175 14.58 -5.23 24.63
C LYS B 175 15.36 -4.84 23.37
N TYR B 176 16.64 -4.54 23.54
CA TYR B 176 17.46 -4.00 22.47
C TYR B 176 18.70 -4.85 22.22
N ALA B 177 19.31 -4.65 21.06
CA ALA B 177 20.52 -5.36 20.65
C ALA B 177 21.48 -4.40 19.93
N ALA B 178 22.75 -4.78 19.95
CA ALA B 178 23.83 -4.03 19.31
C ALA B 178 24.99 -4.97 19.05
N SER B 179 25.92 -4.54 18.20
CA SER B 179 27.11 -5.33 17.93
C SER B 179 28.30 -4.40 17.72
N SER B 180 29.49 -4.96 17.95
CA SER B 180 30.74 -4.23 17.80
C SER B 180 31.79 -5.14 17.17
N TYR B 181 32.45 -4.64 16.15
CA TYR B 181 33.50 -5.36 15.45
C TYR B 181 34.82 -4.66 15.67
N LEU B 182 35.85 -5.43 15.97
CA LEU B 182 37.21 -4.92 16.07
C LEU B 182 38.05 -5.59 14.99
N SER B 183 38.58 -4.80 14.07
CA SER B 183 39.43 -5.31 13.00
C SER B 183 40.88 -5.20 13.43
N LEU B 184 41.59 -6.32 13.38
CA LEU B 184 42.98 -6.41 13.75
C LEU B 184 43.75 -7.11 12.64
N THR B 185 45.04 -6.86 12.57
CA THR B 185 45.90 -7.69 11.75
C THR B 185 46.10 -9.03 12.46
N PRO B 186 46.21 -10.13 11.70
CA PRO B 186 46.55 -11.41 12.34
C PRO B 186 47.69 -11.27 13.34
N GLU B 187 48.70 -10.48 12.96
CA GLU B 187 49.88 -10.30 13.79
C GLU B 187 49.54 -9.64 15.12
N GLN B 188 48.70 -8.60 15.09
CA GLN B 188 48.32 -7.94 16.34
C GLN B 188 47.48 -8.86 17.21
N TRP B 189 46.54 -9.60 16.61
CA TRP B 189 45.72 -10.53 17.37
C TRP B 189 46.59 -11.52 18.12
N LYS B 190 47.58 -12.10 17.44
CA LYS B 190 48.38 -13.15 18.07
C LYS B 190 49.57 -12.61 18.87
N SER B 191 49.90 -11.33 18.73
CA SER B 191 50.99 -10.76 19.51
C SER B 191 50.57 -10.45 20.95
N HIS B 192 49.30 -10.13 21.16
CA HIS B 192 48.77 -9.82 22.47
C HIS B 192 48.34 -11.09 23.19
N ARG B 193 48.35 -11.03 24.52
CA ARG B 193 47.92 -12.17 25.33
C ARG B 193 46.46 -12.50 25.06
N SER B 194 45.57 -11.56 25.40
CA SER B 194 44.14 -11.73 25.20
C SER B 194 43.54 -10.45 24.65
N TYR B 195 42.22 -10.47 24.49
CA TYR B 195 41.46 -9.31 24.04
C TYR B 195 40.10 -9.38 24.72
N SER B 196 39.52 -8.21 24.96
CA SER B 196 38.27 -8.16 25.73
C SER B 196 37.32 -7.12 25.17
N CYS B 197 36.03 -7.40 25.32
CA CYS B 197 34.94 -6.51 24.96
C CYS B 197 34.19 -6.18 26.24
N GLN B 198 34.05 -4.89 26.54
CA GLN B 198 33.41 -4.41 27.75
C GLN B 198 32.21 -3.54 27.37
N VAL B 199 31.02 -4.01 27.72
CA VAL B 199 29.78 -3.28 27.44
C VAL B 199 29.31 -2.67 28.75
N THR B 200 29.07 -1.37 28.75
CA THR B 200 28.56 -0.63 29.90
C THR B 200 27.10 -0.31 29.66
N HIS B 201 26.26 -0.68 30.64
CA HIS B 201 24.82 -0.49 30.60
C HIS B 201 24.36 -0.06 31.98
N GLU B 202 23.66 1.07 32.05
CA GLU B 202 23.15 1.64 33.30
C GLU B 202 24.16 1.47 34.43
N GLY B 203 25.36 2.00 34.20
CA GLY B 203 26.39 1.98 35.21
C GLY B 203 27.19 0.69 35.30
N SER B 204 26.51 -0.45 35.22
CA SER B 204 27.20 -1.73 35.30
C SER B 204 28.01 -1.99 34.03
N THR B 205 29.01 -2.85 34.16
CA THR B 205 29.83 -3.25 33.01
C THR B 205 29.96 -4.76 32.98
N VAL B 206 29.70 -5.34 31.80
CA VAL B 206 29.80 -6.77 31.54
C VAL B 206 30.90 -6.96 30.51
N GLU B 207 31.86 -7.84 30.80
CA GLU B 207 33.01 -8.05 29.93
C GLU B 207 33.13 -9.51 29.53
N LYS B 208 33.70 -9.72 28.35
CA LYS B 208 34.04 -11.05 27.86
C LYS B 208 35.40 -11.01 27.19
N THR B 209 36.11 -12.14 27.24
CA THR B 209 37.50 -12.20 26.79
C THR B 209 37.70 -13.39 25.88
N VAL B 210 38.62 -13.24 24.92
CA VAL B 210 39.09 -14.33 24.07
C VAL B 210 40.60 -14.20 23.92
N ALA B 211 41.21 -15.23 23.36
CA ALA B 211 42.66 -15.26 23.17
C ALA B 211 42.97 -16.22 22.03
N PRO B 212 44.13 -16.07 21.38
CA PRO B 212 44.51 -17.00 20.31
C PRO B 212 44.43 -18.44 20.78
N THR B 213 44.13 -19.34 19.85
CA THR B 213 43.99 -20.74 20.19
C THR B 213 45.29 -21.29 20.77
N GLU B 214 45.17 -22.41 21.47
CA GLU B 214 46.35 -23.06 22.05
C GLU B 214 47.26 -23.61 20.95
N CYS B 215 46.69 -24.36 20.00
CA CYS B 215 47.45 -24.80 18.84
C CYS B 215 46.60 -24.66 17.57
N THR C 4 -52.00 5.75 -43.33
CA THR C 4 -51.72 4.50 -44.03
C THR C 4 -50.25 4.09 -43.91
N ASN C 5 -49.36 5.08 -43.84
CA ASN C 5 -47.94 4.80 -43.73
C ASN C 5 -47.61 4.21 -42.36
N LEU C 6 -46.76 3.20 -42.35
CA LEU C 6 -46.43 2.52 -41.11
C LEU C 6 -45.34 3.26 -40.35
N CYS C 7 -45.46 3.28 -39.03
CA CYS C 7 -44.49 3.98 -38.21
C CYS C 7 -43.11 3.36 -38.43
N PRO C 8 -42.06 4.15 -38.43
CA PRO C 8 -40.71 3.64 -38.72
C PRO C 8 -40.05 3.00 -37.51
N PHE C 9 -40.70 1.98 -36.95
CA PHE C 9 -40.15 1.27 -35.81
C PHE C 9 -38.86 0.54 -36.19
N GLY C 10 -38.72 0.13 -37.44
CA GLY C 10 -37.47 -0.48 -37.86
C GLY C 10 -36.26 0.42 -37.59
N GLU C 11 -36.43 1.72 -37.83
CA GLU C 11 -35.34 2.65 -37.57
C GLU C 11 -34.96 2.69 -36.10
N VAL C 12 -35.87 2.35 -35.20
CA VAL C 12 -35.63 2.36 -33.76
C VAL C 12 -35.01 1.03 -33.33
N PHE C 13 -35.73 -0.07 -33.59
CA PHE C 13 -35.32 -1.36 -33.06
C PHE C 13 -34.13 -1.93 -33.80
N ASN C 14 -34.02 -1.64 -35.10
CA ASN C 14 -32.90 -2.08 -35.91
C ASN C 14 -31.90 -0.99 -36.21
N ALA C 15 -31.82 0.04 -35.36
CA ALA C 15 -30.77 1.04 -35.50
C ALA C 15 -29.41 0.38 -35.45
N THR C 16 -28.48 0.87 -36.28
CA THR C 16 -27.13 0.28 -36.30
C THR C 16 -26.30 0.71 -35.11
N ARG C 17 -26.57 1.87 -34.52
CA ARG C 17 -25.91 2.33 -33.30
C ARG C 17 -26.94 2.65 -32.24
N PHE C 18 -26.60 2.40 -30.98
CA PHE C 18 -27.42 2.73 -29.83
C PHE C 18 -26.61 3.67 -28.93
N ALA C 19 -27.29 4.62 -28.33
CA ALA C 19 -26.69 5.59 -27.42
C ALA C 19 -26.24 4.94 -26.11
N SER C 20 -25.24 5.55 -25.48
CA SER C 20 -25.02 5.30 -24.06
C SER C 20 -26.20 5.80 -23.25
N VAL C 21 -26.45 5.15 -22.13
CA VAL C 21 -27.65 5.43 -21.35
C VAL C 21 -27.64 6.85 -20.78
N TYR C 22 -26.46 7.36 -20.39
CA TYR C 22 -26.45 8.72 -19.84
C TYR C 22 -26.85 9.73 -20.90
N ALA C 23 -26.56 9.42 -22.16
CA ALA C 23 -26.88 10.26 -23.30
C ALA C 23 -28.00 9.64 -24.13
N TRP C 24 -28.98 9.08 -23.44
CA TRP C 24 -30.06 8.33 -24.08
C TRP C 24 -30.73 9.11 -25.22
N ASN C 25 -31.09 8.38 -26.28
CA ASN C 25 -31.56 9.00 -27.52
C ASN C 25 -33.08 8.98 -27.56
N ARG C 26 -33.68 10.05 -28.03
CA ARG C 26 -35.13 10.11 -28.20
C ARG C 26 -35.50 10.30 -29.66
N LYS C 27 -36.45 9.52 -30.13
CA LYS C 27 -37.02 9.66 -31.47
C LYS C 27 -38.51 9.87 -31.32
N ARG C 28 -39.02 10.91 -31.95
CA ARG C 28 -40.46 11.12 -31.98
C ARG C 28 -41.06 10.40 -33.17
N ILE C 29 -42.22 9.81 -32.95
CA ILE C 29 -43.01 9.09 -33.94
C ILE C 29 -44.38 9.75 -33.99
N SER C 30 -44.82 10.09 -35.20
CA SER C 30 -46.06 10.82 -35.42
C SER C 30 -46.58 10.52 -36.82
N ASN C 31 -47.90 10.72 -36.99
CA ASN C 31 -48.57 10.64 -38.28
C ASN C 31 -48.29 9.32 -39.01
N CYS C 32 -48.62 8.22 -38.35
CA CYS C 32 -48.35 6.90 -38.90
C CYS C 32 -49.20 5.86 -38.17
N VAL C 33 -49.23 4.67 -38.75
CA VAL C 33 -49.96 3.53 -38.20
C VAL C 33 -48.96 2.61 -37.52
N ALA C 34 -49.26 2.25 -36.28
CA ALA C 34 -48.37 1.47 -35.42
C ALA C 34 -48.99 0.10 -35.17
N ASP C 35 -48.32 -0.95 -35.66
CA ASP C 35 -48.73 -2.32 -35.35
C ASP C 35 -47.87 -2.79 -34.17
N TYR C 36 -48.41 -2.62 -32.96
CA TYR C 36 -47.67 -2.98 -31.76
C TYR C 36 -47.73 -4.49 -31.49
N SER C 37 -48.78 -5.17 -31.96
CA SER C 37 -48.90 -6.60 -31.67
C SER C 37 -47.78 -7.39 -32.35
N VAL C 38 -47.36 -7.00 -33.56
CA VAL C 38 -46.24 -7.68 -34.18
C VAL C 38 -44.97 -7.51 -33.33
N LEU C 39 -44.81 -6.35 -32.71
CA LEU C 39 -43.68 -6.18 -31.79
C LEU C 39 -43.83 -7.12 -30.59
N TYR C 40 -45.01 -7.10 -29.97
CA TYR C 40 -45.21 -7.82 -28.70
C TYR C 40 -45.05 -9.32 -28.88
N ASN C 41 -45.48 -9.85 -30.01
CA ASN C 41 -45.38 -11.28 -30.27
C ASN C 41 -44.03 -11.69 -30.83
N SER C 42 -43.11 -10.75 -30.99
CA SER C 42 -41.79 -11.05 -31.52
C SER C 42 -40.95 -11.78 -30.49
N ALA C 43 -40.37 -12.92 -30.90
CA ALA C 43 -39.48 -13.67 -30.01
C ALA C 43 -38.14 -12.99 -29.77
N SER C 44 -37.85 -11.89 -30.45
CA SER C 44 -36.53 -11.29 -30.33
C SER C 44 -36.32 -10.53 -29.02
N PHE C 45 -37.34 -10.34 -28.20
CA PHE C 45 -37.27 -9.46 -27.04
C PHE C 45 -37.22 -10.27 -25.75
N SER C 46 -36.21 -10.03 -24.91
CA SER C 46 -36.16 -10.67 -23.60
C SER C 46 -37.18 -10.04 -22.65
N THR C 47 -37.53 -8.77 -22.90
CA THR C 47 -38.33 -7.99 -21.98
C THR C 47 -39.34 -7.19 -22.78
N PHE C 48 -40.60 -7.20 -22.36
CA PHE C 48 -41.63 -6.40 -23.03
C PHE C 48 -42.73 -6.17 -21.98
N LYS C 49 -42.60 -5.06 -21.26
CA LYS C 49 -43.51 -4.76 -20.12
C LYS C 49 -44.20 -3.43 -20.36
N CYS C 50 -45.52 -3.41 -20.25
CA CYS C 50 -46.28 -2.18 -20.44
C CYS C 50 -46.90 -1.73 -19.13
N TYR C 51 -47.05 -0.42 -19.02
CA TYR C 51 -47.56 0.29 -17.86
C TYR C 51 -48.60 1.29 -18.34
N GLY C 52 -49.75 1.31 -17.68
CA GLY C 52 -50.84 2.20 -18.05
C GLY C 52 -51.60 1.83 -19.30
N VAL C 53 -51.28 0.70 -19.90
CA VAL C 53 -51.94 0.26 -21.16
C VAL C 53 -51.77 -1.25 -21.25
N SER C 54 -52.68 -1.95 -21.90
CA SER C 54 -52.55 -3.41 -22.12
C SER C 54 -51.81 -3.63 -23.43
N PRO C 55 -50.82 -4.53 -23.48
CA PRO C 55 -50.05 -4.68 -24.70
C PRO C 55 -50.96 -5.18 -25.81
N THR C 56 -51.95 -6.01 -25.46
CA THR C 56 -52.86 -6.63 -26.45
C THR C 56 -53.82 -5.58 -27.00
N LYS C 57 -54.09 -4.52 -26.26
CA LYS C 57 -55.07 -3.48 -26.66
C LYS C 57 -54.40 -2.28 -27.34
N LEU C 58 -53.06 -2.26 -27.44
CA LEU C 58 -52.41 -1.08 -27.99
C LEU C 58 -52.83 -0.83 -29.44
N ASN C 59 -53.06 -1.90 -30.20
CA ASN C 59 -53.50 -1.76 -31.58
C ASN C 59 -54.87 -1.13 -31.71
N ASP C 60 -55.61 -0.97 -30.61
CA ASP C 60 -56.92 -0.33 -30.64
C ASP C 60 -56.88 1.13 -30.22
N LEU C 61 -55.70 1.68 -29.97
CA LEU C 61 -55.60 3.01 -29.39
C LEU C 61 -54.94 4.00 -30.34
N CYS C 62 -55.28 5.27 -30.12
CA CYS C 62 -54.76 6.39 -30.89
C CYS C 62 -54.12 7.37 -29.93
N PHE C 63 -52.89 7.78 -30.22
CA PHE C 63 -52.18 8.74 -29.40
C PHE C 63 -51.78 9.95 -30.25
N THR C 64 -51.52 11.05 -29.56
CA THR C 64 -51.03 12.24 -30.23
C THR C 64 -49.66 11.98 -30.82
N ASN C 65 -48.73 11.57 -29.98
CA ASN C 65 -47.39 11.23 -30.45
C ASN C 65 -46.89 10.01 -29.67
N VAL C 66 -45.84 9.38 -30.18
CA VAL C 66 -45.16 8.31 -29.46
C VAL C 66 -43.69 8.70 -29.42
N TYR C 67 -43.06 8.53 -28.28
CA TYR C 67 -41.63 8.75 -28.14
C TYR C 67 -40.93 7.42 -27.91
N ALA C 68 -39.80 7.23 -28.57
CA ALA C 68 -38.99 6.02 -28.41
C ALA C 68 -37.62 6.46 -27.89
N ASP C 69 -37.31 6.08 -26.65
CA ASP C 69 -36.02 6.35 -26.03
C ASP C 69 -35.20 5.07 -26.09
N SER C 70 -33.96 5.16 -26.51
CA SER C 70 -33.18 3.93 -26.66
C SER C 70 -31.74 4.14 -26.18
N PHE C 71 -31.18 3.05 -25.67
CA PHE C 71 -29.86 3.07 -25.03
C PHE C 71 -29.44 1.63 -24.72
N VAL C 72 -28.21 1.49 -24.22
CA VAL C 72 -27.66 0.20 -23.80
C VAL C 72 -27.36 0.24 -22.32
N ILE C 73 -27.74 -0.81 -21.59
CA ILE C 73 -27.40 -0.97 -20.17
C ILE C 73 -26.96 -2.42 -19.97
N ARG C 74 -26.56 -2.77 -18.77
CA ARG C 74 -26.30 -4.18 -18.56
C ARG C 74 -27.55 -4.89 -18.07
N GLY C 75 -27.55 -6.22 -18.24
CA GLY C 75 -28.75 -7.01 -18.01
C GLY C 75 -29.35 -6.83 -16.63
N ASP C 76 -28.53 -6.81 -15.60
CA ASP C 76 -29.10 -6.76 -14.25
C ASP C 76 -29.62 -5.36 -13.92
N GLU C 77 -29.53 -4.44 -14.86
CA GLU C 77 -30.09 -3.12 -14.72
C GLU C 77 -31.40 -2.95 -15.46
N VAL C 78 -31.85 -3.93 -16.23
CA VAL C 78 -33.09 -3.75 -16.97
C VAL C 78 -34.25 -3.51 -16.00
N ARG C 79 -34.21 -4.16 -14.83
CA ARG C 79 -35.24 -3.97 -13.82
C ARG C 79 -35.38 -2.53 -13.38
N GLN C 80 -34.34 -1.71 -13.54
CA GLN C 80 -34.43 -0.30 -13.15
C GLN C 80 -35.19 0.54 -14.14
N ILE C 81 -35.44 0.03 -15.35
CA ILE C 81 -36.15 0.81 -16.34
C ILE C 81 -37.63 0.51 -16.15
N ALA C 82 -38.19 1.04 -15.05
CA ALA C 82 -39.56 0.78 -14.67
C ALA C 82 -39.96 1.89 -13.69
N PRO C 83 -41.22 2.22 -13.59
CA PRO C 83 -41.63 3.25 -12.60
C PRO C 83 -41.28 2.80 -11.20
N GLY C 84 -40.85 3.76 -10.38
CA GLY C 84 -40.68 3.53 -8.96
C GLY C 84 -39.35 2.92 -8.56
N GLN C 85 -38.46 2.67 -9.49
CA GLN C 85 -37.22 1.95 -9.19
C GLN C 85 -36.10 2.90 -8.85
N THR C 86 -35.10 2.38 -8.15
CA THR C 86 -33.87 3.12 -7.84
C THR C 86 -32.66 2.29 -8.22
N GLY C 87 -31.50 2.91 -8.12
CA GLY C 87 -30.24 2.37 -8.56
C GLY C 87 -29.51 3.36 -9.44
N LYS C 88 -28.29 2.99 -9.84
CA LYS C 88 -27.45 3.96 -10.55
C LYS C 88 -28.11 4.43 -11.83
N ILE C 89 -28.82 3.54 -12.55
CA ILE C 89 -29.40 3.92 -13.83
C ILE C 89 -30.65 4.76 -13.64
N ALA C 90 -31.59 4.30 -12.81
CA ALA C 90 -32.79 5.08 -12.53
C ALA C 90 -32.47 6.41 -11.84
N ASP C 91 -31.47 6.39 -10.93
CA ASP C 91 -31.15 7.59 -10.16
C ASP C 91 -30.42 8.64 -11.01
N TYR C 92 -29.43 8.22 -11.80
CA TYR C 92 -28.51 9.14 -12.42
C TYR C 92 -28.52 9.16 -13.94
N ASN C 93 -29.25 8.26 -14.58
CA ASN C 93 -29.15 8.16 -16.03
C ASN C 93 -30.45 8.24 -16.78
N TYR C 94 -31.43 7.39 -16.45
CA TYR C 94 -32.72 7.40 -17.14
C TYR C 94 -33.81 7.03 -16.14
N LYS C 95 -34.76 7.93 -15.95
CA LYS C 95 -35.76 7.85 -14.88
C LYS C 95 -37.16 7.90 -15.45
N LEU C 96 -37.93 6.85 -15.23
CA LEU C 96 -39.35 6.81 -15.56
C LEU C 96 -40.19 7.37 -14.40
N PRO C 97 -41.24 8.09 -14.75
CA PRO C 97 -42.16 8.59 -13.72
C PRO C 97 -43.03 7.50 -13.11
N ASP C 98 -43.55 7.78 -11.92
CA ASP C 98 -44.47 6.84 -11.27
C ASP C 98 -45.69 6.56 -12.16
N ASP C 99 -46.22 7.58 -12.84
CA ASP C 99 -47.44 7.47 -13.63
C ASP C 99 -47.17 7.13 -15.10
N PHE C 100 -46.07 6.44 -15.38
CA PHE C 100 -45.66 6.17 -16.75
C PHE C 100 -46.73 5.45 -17.55
N THR C 101 -46.98 5.94 -18.77
CA THR C 101 -47.85 5.28 -19.75
C THR C 101 -46.99 4.90 -20.96
N GLY C 102 -46.56 3.65 -21.01
CA GLY C 102 -45.79 3.17 -22.12
C GLY C 102 -45.28 1.77 -21.87
N CYS C 103 -44.31 1.39 -22.69
CA CYS C 103 -43.78 0.04 -22.68
C CYS C 103 -42.26 0.09 -22.65
N VAL C 104 -41.68 -0.89 -22.00
CA VAL C 104 -40.23 -1.05 -21.92
C VAL C 104 -39.89 -2.37 -22.60
N ILE C 105 -38.97 -2.30 -23.56
CA ILE C 105 -38.64 -3.42 -24.44
C ILE C 105 -37.14 -3.59 -24.37
N ALA C 106 -36.68 -4.82 -24.21
CA ALA C 106 -35.24 -5.01 -24.14
C ALA C 106 -34.85 -6.35 -24.73
N TRP C 107 -33.61 -6.42 -25.16
CA TRP C 107 -33.10 -7.68 -25.67
C TRP C 107 -31.59 -7.75 -25.49
N ASN C 108 -31.10 -8.97 -25.35
CA ASN C 108 -29.67 -9.22 -25.19
C ASN C 108 -28.93 -8.89 -26.49
N SER C 109 -27.89 -8.05 -26.39
CA SER C 109 -27.11 -7.64 -27.55
C SER C 109 -25.64 -8.06 -27.40
N ASN C 110 -25.42 -9.15 -26.65
CA ASN C 110 -24.05 -9.61 -26.44
C ASN C 110 -23.31 -9.84 -27.74
N ASN C 111 -24.02 -10.30 -28.77
CA ASN C 111 -23.37 -10.65 -30.03
C ASN C 111 -22.86 -9.43 -30.78
N LEU C 112 -23.45 -8.26 -30.55
CA LEU C 112 -23.04 -7.04 -31.21
C LEU C 112 -22.26 -6.10 -30.33
N ASP C 113 -22.51 -6.11 -29.03
CA ASP C 113 -22.05 -5.06 -28.15
C ASP C 113 -20.95 -5.48 -27.20
N SER C 114 -20.57 -6.74 -27.22
CA SER C 114 -19.40 -7.22 -26.51
CA SER C 114 -19.40 -7.23 -26.51
C SER C 114 -18.31 -7.58 -27.52
N LYS C 115 -17.06 -7.53 -27.08
CA LYS C 115 -15.96 -7.97 -27.92
C LYS C 115 -14.86 -8.52 -27.02
N VAL C 116 -14.02 -9.37 -27.60
CA VAL C 116 -12.91 -9.93 -26.85
C VAL C 116 -11.96 -8.81 -26.45
N GLY C 117 -11.57 -8.78 -25.19
CA GLY C 117 -10.83 -7.68 -24.65
C GLY C 117 -11.71 -6.60 -24.05
N GLY C 118 -13.02 -6.66 -24.28
CA GLY C 118 -13.91 -5.68 -23.74
C GLY C 118 -14.31 -4.62 -24.74
N ASN C 119 -15.60 -4.37 -24.86
CA ASN C 119 -16.12 -3.20 -25.54
C ASN C 119 -16.38 -2.11 -24.50
N TYR C 120 -15.67 -0.99 -24.61
CA TYR C 120 -15.78 0.11 -23.65
C TYR C 120 -16.47 1.34 -24.21
N ASN C 121 -17.11 1.21 -25.39
CA ASN C 121 -17.76 2.37 -26.01
C ASN C 121 -18.95 2.89 -25.24
N TYR C 122 -19.61 2.04 -24.46
CA TYR C 122 -20.82 2.43 -23.74
C TYR C 122 -20.48 2.89 -22.32
N LEU C 123 -21.06 4.01 -21.93
CA LEU C 123 -20.83 4.66 -20.66
C LEU C 123 -22.12 4.82 -19.87
N TYR C 124 -21.98 4.97 -18.55
CA TYR C 124 -23.08 5.36 -17.69
C TYR C 124 -22.57 6.36 -16.67
N ARG C 125 -23.49 7.13 -16.11
CA ARG C 125 -23.17 8.12 -15.08
C ARG C 125 -23.16 7.39 -13.74
N LEU C 126 -22.03 7.40 -13.07
CA LEU C 126 -21.82 6.73 -11.80
C LEU C 126 -22.08 7.63 -10.60
N PHE C 127 -21.98 8.93 -10.76
CA PHE C 127 -22.05 9.88 -9.68
C PHE C 127 -22.90 11.07 -10.11
N ARG C 128 -23.68 11.61 -9.18
CA ARG C 128 -24.45 12.82 -9.42
C ARG C 128 -24.86 13.38 -8.06
N LYS C 129 -24.98 14.70 -7.98
CA LYS C 129 -25.33 15.36 -6.72
C LYS C 129 -26.78 15.13 -6.32
N SER C 130 -27.64 14.72 -7.25
CA SER C 130 -29.04 14.49 -6.92
C SER C 130 -29.62 13.57 -7.97
N ASN C 131 -30.77 13.01 -7.66
CA ASN C 131 -31.41 12.09 -8.59
C ASN C 131 -32.08 12.85 -9.73
N LEU C 132 -32.12 12.22 -10.90
CA LEU C 132 -32.86 12.79 -12.02
C LEU C 132 -34.35 12.87 -11.73
N LYS C 133 -34.96 13.92 -12.26
CA LYS C 133 -36.41 13.92 -12.42
C LYS C 133 -36.81 13.01 -13.59
N PRO C 134 -38.07 12.60 -13.65
CA PRO C 134 -38.48 11.72 -14.77
C PRO C 134 -38.21 12.36 -16.12
N PHE C 135 -37.58 11.59 -17.00
CA PHE C 135 -37.25 11.98 -18.38
C PHE C 135 -36.21 13.09 -18.45
N GLU C 136 -35.56 13.41 -17.33
CA GLU C 136 -34.42 14.31 -17.36
C GLU C 136 -33.21 13.60 -17.98
N ARG C 137 -32.35 14.39 -18.61
CA ARG C 137 -31.18 13.90 -19.30
C ARG C 137 -30.00 14.78 -18.90
N ASP C 138 -28.94 14.15 -18.43
CA ASP C 138 -27.75 14.86 -17.97
C ASP C 138 -26.56 14.33 -18.78
N ILE C 139 -26.00 15.18 -19.63
CA ILE C 139 -24.83 14.84 -20.42
C ILE C 139 -23.63 15.71 -20.02
N SER C 140 -23.65 16.30 -18.82
CA SER C 140 -22.54 17.09 -18.32
C SER C 140 -21.37 16.19 -17.88
N THR C 141 -20.18 16.78 -17.83
CA THR C 141 -19.01 16.02 -17.38
C THR C 141 -18.16 16.84 -16.41
N GLU C 142 -18.80 17.44 -15.43
CA GLU C 142 -18.07 18.11 -14.34
C GLU C 142 -17.50 17.07 -13.38
N ILE C 143 -16.34 17.38 -12.81
CA ILE C 143 -15.74 16.50 -11.82
C ILE C 143 -16.63 16.45 -10.58
N TYR C 144 -16.85 15.26 -10.08
CA TYR C 144 -17.77 15.01 -8.98
C TYR C 144 -16.99 15.02 -7.67
N GLN C 145 -17.45 15.80 -6.72
CA GLN C 145 -16.76 15.97 -5.43
C GLN C 145 -17.42 15.00 -4.44
N ALA C 146 -16.79 13.84 -4.22
CA ALA C 146 -17.33 12.84 -3.32
C ALA C 146 -16.98 13.10 -1.85
N GLY C 147 -16.06 14.01 -1.56
CA GLY C 147 -15.69 14.32 -0.18
C GLY C 147 -15.85 15.81 0.11
N SER C 148 -15.22 16.30 1.17
CA SER C 148 -15.34 17.70 1.54
C SER C 148 -14.26 18.58 0.93
N THR C 149 -13.24 18.00 0.29
CA THR C 149 -12.16 18.81 -0.26
C THR C 149 -12.39 19.15 -1.73
N PRO C 150 -11.87 20.29 -2.19
CA PRO C 150 -12.18 20.76 -3.55
C PRO C 150 -11.46 19.97 -4.62
N CYS C 151 -12.04 19.95 -5.81
CA CYS C 151 -11.46 19.22 -6.94
C CYS C 151 -10.67 20.11 -7.89
N ASN C 152 -10.94 21.41 -7.91
CA ASN C 152 -10.24 22.34 -8.81
C ASN C 152 -10.29 21.86 -10.24
N GLY C 153 -11.39 21.21 -10.61
CA GLY C 153 -11.66 20.83 -11.98
C GLY C 153 -10.92 19.64 -12.50
N VAL C 154 -10.27 18.86 -11.63
CA VAL C 154 -9.50 17.71 -12.07
C VAL C 154 -9.80 16.54 -11.15
N GLU C 155 -9.59 15.34 -11.67
CA GLU C 155 -9.68 14.16 -10.85
C GLU C 155 -8.55 14.13 -9.82
N GLY C 156 -8.84 13.51 -8.69
CA GLY C 156 -7.87 13.36 -7.63
C GLY C 156 -8.52 12.79 -6.39
N PHE C 157 -8.02 13.19 -5.23
CA PHE C 157 -8.53 12.63 -3.99
C PHE C 157 -10.01 12.94 -3.81
N ASN C 158 -10.83 11.88 -3.77
CA ASN C 158 -12.29 11.95 -3.66
C ASN C 158 -12.92 12.85 -4.73
N CYS C 159 -12.31 12.90 -5.90
CA CYS C 159 -12.77 13.75 -7.00
C CYS C 159 -12.76 12.93 -8.27
N TYR C 160 -13.93 12.68 -8.84
CA TYR C 160 -14.09 11.66 -9.87
C TYR C 160 -14.67 12.21 -11.17
N PHE C 161 -14.14 11.74 -12.29
CA PHE C 161 -14.89 11.90 -13.53
C PHE C 161 -16.23 11.18 -13.39
N PRO C 162 -17.34 11.79 -13.81
CA PRO C 162 -18.64 11.25 -13.38
C PRO C 162 -19.15 10.08 -14.21
N LEU C 163 -18.55 9.79 -15.35
CA LEU C 163 -18.96 8.71 -16.22
C LEU C 163 -17.99 7.56 -16.08
N GLN C 164 -18.53 6.36 -16.21
CA GLN C 164 -17.73 5.12 -16.18
C GLN C 164 -18.14 4.27 -17.38
N SER C 165 -17.21 3.53 -17.95
CA SER C 165 -17.50 2.65 -19.11
C SER C 165 -17.97 1.29 -18.65
N TYR C 166 -18.96 0.74 -19.30
CA TYR C 166 -19.29 -0.68 -19.12
C TYR C 166 -18.14 -1.40 -19.81
N GLY C 167 -17.72 -2.57 -19.34
CA GLY C 167 -16.70 -3.35 -20.04
C GLY C 167 -17.35 -4.62 -20.53
N PHE C 168 -18.02 -4.58 -21.66
CA PHE C 168 -18.78 -5.73 -22.15
C PHE C 168 -17.87 -6.77 -22.80
N GLN C 169 -17.68 -7.89 -22.12
CA GLN C 169 -16.89 -8.99 -22.65
C GLN C 169 -17.79 -10.19 -22.92
N PRO C 170 -17.54 -10.92 -24.01
CA PRO C 170 -18.48 -11.97 -24.42
C PRO C 170 -18.72 -13.01 -23.34
N THR C 171 -17.76 -13.23 -22.46
CA THR C 171 -17.85 -14.28 -21.45
C THR C 171 -18.46 -13.78 -20.15
N ASN C 172 -18.87 -12.52 -20.07
CA ASN C 172 -19.61 -12.05 -18.91
C ASN C 172 -20.84 -12.91 -18.69
N GLY C 173 -21.24 -13.08 -17.44
CA GLY C 173 -22.56 -13.60 -17.14
C GLY C 173 -23.66 -12.66 -17.63
N VAL C 174 -24.87 -13.20 -17.78
CA VAL C 174 -25.95 -12.45 -18.42
C VAL C 174 -26.21 -11.13 -17.69
N GLY C 175 -26.11 -11.13 -16.36
CA GLY C 175 -26.35 -9.89 -15.62
C GLY C 175 -25.40 -8.78 -16.00
N TYR C 176 -24.25 -9.12 -16.54
CA TYR C 176 -23.23 -8.17 -16.96
C TYR C 176 -23.12 -8.09 -18.47
N GLN C 177 -24.04 -8.71 -19.20
CA GLN C 177 -24.03 -8.58 -20.66
C GLN C 177 -24.81 -7.35 -21.09
N PRO C 178 -24.50 -6.82 -22.29
CA PRO C 178 -25.24 -5.64 -22.77
C PRO C 178 -26.64 -5.99 -23.22
N TYR C 179 -27.58 -5.12 -22.89
CA TYR C 179 -28.96 -5.17 -23.34
C TYR C 179 -29.29 -3.85 -24.03
N ARG C 180 -29.87 -3.95 -25.22
CA ARG C 180 -30.44 -2.79 -25.90
C ARG C 180 -31.86 -2.61 -25.39
N VAL C 181 -32.23 -1.36 -25.13
CA VAL C 181 -33.49 -1.02 -24.50
C VAL C 181 -34.18 0.06 -25.33
N VAL C 182 -35.48 -0.13 -25.54
CA VAL C 182 -36.36 0.84 -26.18
C VAL C 182 -37.53 1.09 -25.24
N VAL C 183 -37.73 2.35 -24.86
CA VAL C 183 -38.86 2.77 -24.04
C VAL C 183 -39.81 3.54 -24.93
N LEU C 184 -41.03 3.06 -25.06
CA LEU C 184 -42.07 3.75 -25.82
C LEU C 184 -42.96 4.49 -24.83
N SER C 185 -43.11 5.79 -25.05
CA SER C 185 -44.01 6.66 -24.30
C SER C 185 -45.16 7.06 -25.20
N PHE C 186 -46.40 7.01 -24.67
CA PHE C 186 -47.60 7.34 -25.43
C PHE C 186 -48.14 8.67 -24.93
N GLU C 187 -48.16 9.67 -25.82
CA GLU C 187 -48.52 11.03 -25.45
C GLU C 187 -49.89 11.39 -25.98
N LEU C 188 -50.69 11.95 -25.09
CA LEU C 188 -52.05 12.43 -25.35
C LEU C 188 -52.09 13.92 -25.04
N LEU C 189 -52.17 14.75 -26.07
CA LEU C 189 -52.35 16.18 -25.94
C LEU C 189 -53.76 16.55 -26.40
N HIS C 190 -54.09 17.83 -26.26
CA HIS C 190 -55.37 18.36 -26.74
C HIS C 190 -55.24 18.69 -28.23
N ALA C 191 -55.11 17.63 -29.01
CA ALA C 191 -54.91 17.72 -30.45
C ALA C 191 -55.42 16.44 -31.07
N PRO C 192 -55.60 16.40 -32.39
CA PRO C 192 -55.97 15.14 -33.02
C PRO C 192 -54.87 14.11 -32.85
N ALA C 193 -55.27 12.87 -32.63
CA ALA C 193 -54.31 11.77 -32.60
C ALA C 193 -53.67 11.62 -33.98
N THR C 194 -52.38 11.27 -34.00
CA THR C 194 -51.69 11.01 -35.26
C THR C 194 -51.00 9.65 -35.32
N VAL C 195 -50.94 8.90 -34.23
CA VAL C 195 -50.34 7.57 -34.20
C VAL C 195 -51.40 6.60 -33.72
N CYS C 196 -51.92 5.80 -34.65
CA CYS C 196 -53.01 4.89 -34.35
C CYS C 196 -52.61 3.47 -34.72
N GLY C 197 -53.29 2.51 -34.11
CA GLY C 197 -53.15 1.13 -34.48
C GLY C 197 -53.86 0.84 -35.78
N PRO C 198 -53.66 -0.36 -36.32
CA PRO C 198 -54.25 -0.73 -37.62
C PRO C 198 -55.71 -1.14 -37.52
#